data_7CZM
#
_entry.id   7CZM
#
_cell.length_a   73.978
_cell.length_b   70.624
_cell.length_c   56.337
_cell.angle_alpha   90.000
_cell.angle_beta   109.270
_cell.angle_gamma   90.000
#
_symmetry.space_group_name_H-M   'C 1 2 1'
#
loop_
_entity.id
_entity.type
_entity.pdbx_description
1 polymer 'RB1-inducible coiled-coil protein 1'
2 polymer 'Optineurin LIR'
3 non-polymer GLYCEROL
4 non-polymer 'CHLORIDE ION'
5 water water
#
loop_
_entity_poly.entity_id
_entity_poly.type
_entity_poly.pdbx_seq_one_letter_code
_entity_poly.pdbx_strand_id
1 'polypeptide(L)'
;SEFSRHSEKIAIRDFQVGDLVLIILDERHDNYVLFTVSPTLYFLHSESLPALDLKPGEGASGASRRPWVLGKVMEKEYCQ
AKKAQNRFKVPLGTKFYRVKAVSWNKKV
;
A,B
2 'polypeptide(L)' SSED(SEP)FVEIRMAE C,D
#
loop_
_chem_comp.id
_chem_comp.type
_chem_comp.name
_chem_comp.formula
CL non-polymer 'CHLORIDE ION' 'Cl -1'
GOL non-polymer GLYCEROL 'C3 H8 O3'
#
# COMPACT_ATOMS: atom_id res chain seq x y z
N SER A 7 -1.87 -16.58 -0.28
CA SER A 7 -0.97 -15.50 0.06
C SER A 7 -1.73 -14.33 0.70
N GLU A 8 -1.07 -13.63 1.61
CA GLU A 8 -1.70 -12.53 2.33
C GLU A 8 -1.87 -11.32 1.42
N LYS A 9 -2.91 -10.54 1.69
CA LYS A 9 -3.19 -9.30 1.00
C LYS A 9 -3.40 -8.21 2.03
N ILE A 10 -3.27 -6.96 1.58
CA ILE A 10 -3.35 -5.81 2.47
C ILE A 10 -4.81 -5.40 2.66
N ALA A 11 -5.23 -5.33 3.91
CA ALA A 11 -6.55 -4.80 4.24
C ALA A 11 -6.58 -3.29 4.05
N ILE A 12 -7.73 -2.77 3.64
CA ILE A 12 -7.83 -1.34 3.33
C ILE A 12 -8.95 -0.66 4.09
N ARG A 13 -9.71 -1.38 4.90
CA ARG A 13 -10.72 -0.75 5.76
C ARG A 13 -11.24 -1.81 6.71
N ASP A 14 -12.01 -1.34 7.70
CA ASP A 14 -12.66 -2.23 8.67
C ASP A 14 -11.64 -3.15 9.33
N PHE A 15 -10.47 -2.59 9.65
CA PHE A 15 -9.31 -3.36 10.09
C PHE A 15 -9.60 -4.20 11.32
N GLN A 16 -8.95 -5.36 11.39
CA GLN A 16 -9.05 -6.22 12.56
C GLN A 16 -7.65 -6.70 12.94
N VAL A 17 -7.54 -7.26 14.15
CA VAL A 17 -6.27 -7.85 14.59
C VAL A 17 -5.89 -8.98 13.65
N GLY A 18 -4.63 -9.00 13.22
CA GLY A 18 -4.14 -10.00 12.30
C GLY A 18 -4.09 -9.55 10.85
N ASP A 19 -4.70 -8.42 10.52
CA ASP A 19 -4.64 -7.91 9.16
C ASP A 19 -3.22 -7.49 8.81
N LEU A 20 -2.81 -7.81 7.59
CA LEU A 20 -1.67 -7.15 6.98
C LEU A 20 -2.11 -5.76 6.54
N VAL A 21 -1.33 -4.74 6.93
CA VAL A 21 -1.71 -3.37 6.66
C VAL A 21 -0.52 -2.58 6.16
N LEU A 22 -0.82 -1.50 5.46
CA LEU A 22 0.19 -0.56 4.97
C LEU A 22 0.15 0.67 5.86
N ILE A 23 1.30 1.00 6.42
CA ILE A 23 1.45 2.06 7.42
C ILE A 23 2.21 3.19 6.76
N ILE A 24 1.60 4.36 6.67
CA ILE A 24 2.14 5.49 5.92
C ILE A 24 2.21 6.69 6.85
N LEU A 25 3.14 7.59 6.56
CA LEU A 25 3.26 8.83 7.33
C LEU A 25 2.21 9.81 6.87
N ASP A 26 1.50 10.42 7.83
CA ASP A 26 0.44 11.39 7.58
C ASP A 26 0.91 12.75 8.08
N GLU A 27 1.46 13.56 7.17
CA GLU A 27 2.01 14.85 7.59
C GLU A 27 0.95 15.75 8.20
N ARG A 28 -0.23 15.80 7.58
CA ARG A 28 -1.31 16.64 8.12
CA ARG A 28 -1.33 16.61 8.12
C ARG A 28 -1.59 16.31 9.59
N HIS A 29 -1.57 15.03 9.96
CA HIS A 29 -1.84 14.62 11.34
C HIS A 29 -0.58 14.33 12.14
N ASP A 30 0.62 14.58 11.59
CA ASP A 30 1.88 14.43 12.31
C ASP A 30 2.02 13.03 12.92
N ASN A 31 1.47 12.02 12.24
CA ASN A 31 1.42 10.68 12.79
C ASN A 31 1.48 9.68 11.66
N TYR A 32 1.95 8.47 11.97
CA TYR A 32 1.74 7.33 11.08
C TYR A 32 0.32 6.85 11.23
N VAL A 33 -0.28 6.45 10.09
CA VAL A 33 -1.64 5.93 10.02
C VAL A 33 -1.66 4.70 9.13
N LEU A 34 -2.73 3.94 9.25
CA LEU A 34 -3.01 2.84 8.33
C LEU A 34 -3.54 3.39 7.02
N PHE A 35 -2.95 2.98 5.91
CA PHE A 35 -3.54 3.32 4.62
C PHE A 35 -4.95 2.76 4.55
N THR A 36 -5.92 3.59 4.18
CA THR A 36 -7.31 3.13 4.19
C THR A 36 -8.12 3.93 3.19
N VAL A 37 -9.17 3.30 2.67
CA VAL A 37 -10.13 4.01 1.82
C VAL A 37 -11.32 4.56 2.60
N SER A 38 -11.43 4.24 3.86
CA SER A 38 -12.48 4.77 4.73
C SER A 38 -12.10 6.18 5.20
N PRO A 39 -13.08 7.03 5.51
CA PRO A 39 -12.76 8.34 6.11
C PRO A 39 -12.27 8.23 7.55
N THR A 40 -12.36 7.04 8.16
CA THR A 40 -12.03 6.86 9.56
C THR A 40 -10.53 6.70 9.73
N LEU A 41 -9.99 7.35 10.76
CA LEU A 41 -8.56 7.38 11.00
C LEU A 41 -8.14 6.21 11.89
N TYR A 42 -7.06 5.54 11.50
CA TYR A 42 -6.43 4.49 12.30
C TYR A 42 -4.98 4.91 12.56
N PHE A 43 -4.70 5.45 13.75
CA PHE A 43 -3.35 5.91 14.07
C PHE A 43 -2.50 4.78 14.61
N LEU A 44 -1.24 4.75 14.19
CA LEU A 44 -0.29 3.78 14.69
C LEU A 44 0.15 4.20 16.09
N HIS A 45 -0.01 3.29 17.05
CA HIS A 45 0.33 3.57 18.42
C HIS A 45 1.79 3.94 18.53
N SER A 46 2.09 4.89 19.42
CA SER A 46 3.46 5.35 19.57
C SER A 46 4.39 4.19 19.92
N GLU A 47 3.92 3.24 20.73
CA GLU A 47 4.78 2.16 21.22
C GLU A 47 5.30 1.31 20.08
N SER A 48 4.56 1.26 18.97
CA SER A 48 4.91 0.41 17.84
C SER A 48 6.05 0.96 17.00
N LEU A 49 6.34 2.26 17.09
CA LEU A 49 7.29 2.86 16.15
C LEU A 49 8.70 2.28 16.25
N PRO A 50 9.30 2.08 17.42
CA PRO A 50 10.69 1.60 17.42
C PRO A 50 10.87 0.24 16.74
N ALA A 51 10.09 -0.77 17.11
CA ALA A 51 10.27 -2.09 16.51
C ALA A 51 10.04 -2.08 15.01
N LEU A 52 9.31 -1.09 14.49
CA LEU A 52 9.04 -0.97 13.07
C LEU A 52 10.08 -0.13 12.33
N ASP A 53 11.14 0.32 13.02
CA ASP A 53 12.19 1.14 12.43
CA ASP A 53 12.19 1.14 12.42
C ASP A 53 11.61 2.44 11.85
N LEU A 54 10.68 3.05 12.59
CA LEU A 54 10.06 4.31 12.18
C LEU A 54 10.34 5.45 13.16
N LYS A 55 11.19 5.23 14.15
CA LYS A 55 11.63 6.30 15.05
C LYS A 55 13.15 6.28 15.13
N PRO A 56 13.85 7.26 14.54
CA PRO A 56 15.30 7.41 14.66
C PRO A 56 15.76 7.56 16.11
N ARG A 65 11.51 10.96 8.22
CA ARG A 65 11.36 9.55 8.60
C ARG A 65 10.82 8.71 7.45
N ARG A 66 10.99 7.39 7.57
CA ARG A 66 10.60 6.47 6.51
C ARG A 66 9.13 6.66 6.15
N PRO A 67 8.79 6.75 4.86
CA PRO A 67 7.42 7.12 4.49
C PRO A 67 6.39 5.99 4.61
N TRP A 68 6.82 4.73 4.64
CA TRP A 68 5.86 3.63 4.70
C TRP A 68 6.56 2.37 5.21
N VAL A 69 5.73 1.39 5.62
CA VAL A 69 6.17 0.07 6.06
C VAL A 69 4.96 -0.85 6.12
N LEU A 70 5.16 -2.14 5.83
CA LEU A 70 4.13 -3.14 5.99
C LEU A 70 4.09 -3.63 7.44
N GLY A 71 2.88 -3.90 7.95
CA GLY A 71 2.74 -4.32 9.32
C GLY A 71 1.58 -5.29 9.50
N LYS A 72 1.50 -5.87 10.70
CA LYS A 72 0.39 -6.74 11.04
C LYS A 72 -0.25 -6.22 12.32
N VAL A 73 -1.55 -5.93 12.26
CA VAL A 73 -2.24 -5.37 13.42
C VAL A 73 -2.21 -6.37 14.55
N MET A 74 -1.85 -5.90 15.75
CA MET A 74 -1.82 -6.74 16.94
C MET A 74 -2.84 -6.33 17.99
N GLU A 75 -3.26 -5.08 18.00
CA GLU A 75 -4.44 -4.71 18.77
C GLU A 75 -4.97 -3.39 18.25
N LYS A 76 -6.16 -3.06 18.72
CA LYS A 76 -6.96 -2.01 18.11
C LYS A 76 -7.82 -1.43 19.21
N GLU A 77 -7.87 -0.10 19.29
CA GLU A 77 -8.57 0.59 20.35
C GLU A 77 -9.39 1.71 19.74
N TYR A 78 -10.63 1.85 20.19
CA TYR A 78 -11.54 2.91 19.75
C TYR A 78 -11.42 4.08 20.72
N CYS A 79 -11.13 5.27 20.20
CA CYS A 79 -10.81 6.42 21.03
C CYS A 79 -11.65 7.62 20.63
N GLN A 80 -11.62 8.64 21.47
CA GLN A 80 -12.31 9.89 21.14
C GLN A 80 -11.53 11.07 21.70
N ALA A 81 -11.31 12.07 20.85
CA ALA A 81 -10.54 13.24 21.26
C ALA A 81 -11.40 14.12 22.15
N LYS A 82 -10.92 14.39 23.37
CA LYS A 82 -11.64 15.20 24.34
C LYS A 82 -11.13 16.63 24.44
N LYS A 83 -9.98 16.96 23.85
CA LYS A 83 -9.52 18.34 23.80
C LYS A 83 -9.23 18.73 22.35
N ALA A 84 -9.46 20.02 22.05
CA ALA A 84 -9.30 20.51 20.68
C ALA A 84 -7.86 20.43 20.21
N GLN A 85 -6.91 20.60 21.13
CA GLN A 85 -5.50 20.32 20.88
C GLN A 85 -5.20 18.93 21.39
N ASN A 86 -4.69 18.07 20.51
CA ASN A 86 -4.32 16.70 20.83
C ASN A 86 -3.19 16.30 19.89
N ARG A 87 -2.48 15.23 20.25
CA ARG A 87 -1.31 14.82 19.46
C ARG A 87 -1.69 14.31 18.06
N PHE A 88 -2.97 13.98 17.83
CA PHE A 88 -3.44 13.49 16.54
C PHE A 88 -3.88 14.59 15.59
N LYS A 89 -3.86 15.85 16.04
CA LYS A 89 -4.31 16.99 15.23
C LYS A 89 -5.73 16.80 14.67
N VAL A 90 -6.61 16.11 15.40
CA VAL A 90 -7.99 15.95 14.92
C VAL A 90 -8.92 16.89 15.68
N PRO A 91 -10.08 17.23 15.11
CA PRO A 91 -11.00 18.11 15.83
C PRO A 91 -11.50 17.50 17.12
N LEU A 92 -11.93 18.38 18.02
CA LEU A 92 -12.61 18.00 19.26
C LEU A 92 -13.74 17.04 18.95
N GLY A 93 -13.81 15.95 19.72
CA GLY A 93 -14.88 14.97 19.59
C GLY A 93 -14.66 13.91 18.54
N THR A 94 -13.60 14.01 17.74
CA THR A 94 -13.33 13.04 16.71
C THR A 94 -13.18 11.65 17.30
N LYS A 95 -13.89 10.69 16.72
CA LYS A 95 -13.74 9.29 17.08
C LYS A 95 -12.83 8.63 16.06
N PHE A 96 -11.87 7.86 16.55
CA PHE A 96 -10.80 7.33 15.73
C PHE A 96 -10.30 6.07 16.41
N TYR A 97 -9.49 5.31 15.70
CA TYR A 97 -8.87 4.11 16.24
C TYR A 97 -7.37 4.30 16.41
N ARG A 98 -6.80 3.63 17.40
CA ARG A 98 -5.35 3.49 17.55
C ARG A 98 -5.01 2.02 17.51
N VAL A 99 -4.01 1.65 16.70
CA VAL A 99 -3.65 0.26 16.51
C VAL A 99 -2.17 0.08 16.84
N LYS A 100 -1.85 -1.04 17.45
CA LYS A 100 -0.45 -1.46 17.54
C LYS A 100 -0.21 -2.45 16.41
N ALA A 101 0.94 -2.32 15.78
CA ALA A 101 1.32 -3.21 14.69
C ALA A 101 2.76 -3.61 14.88
N VAL A 102 3.12 -4.79 14.36
CA VAL A 102 4.50 -5.26 14.39
C VAL A 102 4.93 -5.50 12.95
N SER A 103 6.24 -5.69 12.80
CA SER A 103 6.83 -6.01 11.52
C SER A 103 6.18 -7.24 10.89
N TRP A 104 6.07 -7.22 9.57
CA TRP A 104 5.66 -8.38 8.77
C TRP A 104 6.70 -8.61 7.68
N ASN A 105 7.01 -9.88 7.41
CA ASN A 105 7.84 -10.23 6.27
C ASN A 105 7.31 -11.51 5.62
N LYS A 106 7.54 -11.64 4.31
CA LYS A 106 7.04 -12.78 3.53
C LYS A 106 7.54 -14.11 4.09
N SER B 1 -26.50 3.85 10.93
CA SER B 1 -26.83 2.56 11.52
C SER B 1 -25.82 1.50 11.08
N GLU B 2 -25.55 0.53 11.96
CA GLU B 2 -24.58 -0.52 11.68
C GLU B 2 -24.95 -1.28 10.41
N PHE B 3 -23.92 -1.64 9.64
CA PHE B 3 -24.12 -2.52 8.49
C PHE B 3 -22.81 -3.24 8.25
N SER B 4 -22.90 -4.40 7.62
CA SER B 4 -21.73 -5.19 7.29
C SER B 4 -21.45 -5.08 5.80
N ARG B 5 -20.20 -5.36 5.43
CA ARG B 5 -19.83 -5.21 4.04
C ARG B 5 -18.61 -6.07 3.74
N HIS B 6 -18.51 -6.49 2.47
CA HIS B 6 -17.32 -7.12 1.97
C HIS B 6 -16.32 -6.03 1.62
N SER B 7 -15.03 -6.36 1.72
CA SER B 7 -13.99 -5.42 1.32
C SER B 7 -12.97 -6.17 0.48
N GLU B 8 -12.60 -5.62 -0.67
CA GLU B 8 -11.44 -6.15 -1.39
C GLU B 8 -10.16 -5.85 -0.61
N LYS B 9 -9.13 -6.64 -0.89
CA LYS B 9 -7.80 -6.47 -0.30
C LYS B 9 -6.77 -6.35 -1.42
N ILE B 10 -5.65 -5.69 -1.12
CA ILE B 10 -4.65 -5.39 -2.15
C ILE B 10 -3.69 -6.57 -2.28
N ALA B 11 -3.57 -7.10 -3.51
CA ALA B 11 -2.59 -8.16 -3.76
C ALA B 11 -1.17 -7.57 -3.74
N ILE B 12 -0.19 -8.39 -3.38
CA ILE B 12 1.18 -7.91 -3.21
C ILE B 12 2.22 -8.79 -3.90
N ARG B 13 1.80 -9.87 -4.55
CA ARG B 13 2.71 -10.71 -5.33
C ARG B 13 1.85 -11.55 -6.26
N ASP B 14 2.50 -12.23 -7.21
CA ASP B 14 1.85 -13.22 -8.10
C ASP B 14 0.54 -12.69 -8.67
N PHE B 15 0.60 -11.48 -9.22
CA PHE B 15 -0.61 -10.73 -9.54
C PHE B 15 -1.39 -11.43 -10.63
N GLN B 16 -2.71 -11.33 -10.53
CA GLN B 16 -3.63 -11.97 -11.46
C GLN B 16 -4.61 -10.93 -11.99
N VAL B 17 -5.14 -11.19 -13.20
CA VAL B 17 -6.20 -10.36 -13.73
C VAL B 17 -7.33 -10.26 -12.72
N GLY B 18 -7.79 -9.03 -12.47
CA GLY B 18 -8.84 -8.80 -11.51
C GLY B 18 -8.33 -8.43 -10.12
N ASP B 19 -7.04 -8.59 -9.85
CA ASP B 19 -6.49 -8.19 -8.56
C ASP B 19 -6.60 -6.69 -8.35
N LEU B 20 -6.91 -6.31 -7.12
CA LEU B 20 -6.72 -4.95 -6.65
C LEU B 20 -5.23 -4.73 -6.35
N VAL B 21 -4.66 -3.67 -6.91
CA VAL B 21 -3.22 -3.45 -6.79
C VAL B 21 -2.95 -1.99 -6.47
N LEU B 22 -1.78 -1.76 -5.90
CA LEU B 22 -1.29 -0.43 -5.64
C LEU B 22 -0.24 -0.08 -6.70
N ILE B 23 -0.46 1.03 -7.39
CA ILE B 23 0.40 1.45 -8.49
C ILE B 23 1.23 2.64 -7.99
N ILE B 24 2.54 2.47 -7.97
CA ILE B 24 3.44 3.48 -7.42
C ILE B 24 4.53 3.79 -8.43
N LEU B 25 5.10 4.97 -8.32
CA LEU B 25 6.19 5.38 -9.17
C LEU B 25 7.49 4.77 -8.67
N ASP B 26 8.12 3.95 -9.51
CA ASP B 26 9.45 3.40 -9.23
C ASP B 26 10.49 4.32 -9.87
N GLU B 27 11.09 5.19 -9.06
CA GLU B 27 12.09 6.10 -9.59
C GLU B 27 13.32 5.34 -10.07
N ARG B 28 13.67 4.26 -9.37
CA ARG B 28 14.85 3.46 -9.72
CA ARG B 28 14.85 3.48 -9.72
C ARG B 28 14.75 2.91 -11.13
N HIS B 29 13.53 2.57 -11.59
CA HIS B 29 13.31 2.02 -12.93
C HIS B 29 12.58 2.98 -13.86
N ASP B 30 12.36 4.24 -13.44
CA ASP B 30 11.79 5.26 -14.30
C ASP B 30 10.41 4.86 -14.84
N ASN B 31 9.61 4.21 -13.98
CA ASN B 31 8.36 3.60 -14.44
C ASN B 31 7.41 3.42 -13.28
N TYR B 32 6.12 3.35 -13.61
CA TYR B 32 5.14 2.91 -12.65
C TYR B 32 5.17 1.39 -12.56
N VAL B 33 5.10 0.88 -11.34
CA VAL B 33 5.11 -0.54 -11.05
C VAL B 33 3.98 -0.83 -10.08
N LEU B 34 3.65 -2.11 -9.96
CA LEU B 34 2.78 -2.59 -8.89
C LEU B 34 3.57 -2.73 -7.59
N PHE B 35 2.98 -2.25 -6.50
CA PHE B 35 3.60 -2.46 -5.18
C PHE B 35 3.65 -3.96 -4.89
N THR B 36 4.85 -4.46 -4.59
CA THR B 36 5.01 -5.91 -4.38
C THR B 36 6.08 -6.19 -3.33
N VAL B 37 5.94 -7.35 -2.66
CA VAL B 37 6.93 -7.81 -1.69
C VAL B 37 7.92 -8.79 -2.29
N SER B 38 7.71 -9.20 -3.51
CA SER B 38 8.47 -10.22 -4.18
C SER B 38 9.50 -9.60 -5.11
N PRO B 39 10.52 -10.35 -5.50
CA PRO B 39 11.59 -9.77 -6.35
C PRO B 39 11.17 -9.47 -7.78
N THR B 40 10.07 -10.02 -8.26
CA THR B 40 9.71 -9.81 -9.67
C THR B 40 9.05 -8.44 -9.87
N LEU B 41 9.48 -7.73 -10.91
CA LEU B 41 8.91 -6.42 -11.22
C LEU B 41 7.68 -6.55 -12.12
N TYR B 42 6.63 -5.82 -11.78
CA TYR B 42 5.41 -5.71 -12.61
C TYR B 42 5.28 -4.26 -13.03
N PHE B 43 5.71 -3.96 -14.27
CA PHE B 43 5.67 -2.61 -14.81
C PHE B 43 4.32 -2.31 -15.42
N LEU B 44 3.82 -1.10 -15.16
CA LEU B 44 2.54 -0.68 -15.71
C LEU B 44 2.73 -0.36 -17.17
N HIS B 45 1.94 -1.01 -18.04
CA HIS B 45 2.01 -0.73 -19.46
C HIS B 45 1.77 0.75 -19.73
N SER B 46 2.53 1.32 -20.67
CA SER B 46 2.39 2.74 -21.00
C SER B 46 0.99 3.07 -21.51
N GLU B 47 0.31 2.11 -22.17
CA GLU B 47 -1.04 2.37 -22.64
C GLU B 47 -2.00 2.69 -21.51
N SER B 48 -1.73 2.16 -20.31
CA SER B 48 -2.63 2.33 -19.18
C SER B 48 -2.51 3.69 -18.50
N LEU B 49 -1.43 4.43 -18.78
CA LEU B 49 -1.18 5.68 -18.06
C LEU B 49 -2.25 6.74 -18.28
N PRO B 50 -2.71 7.03 -19.52
CA PRO B 50 -3.62 8.18 -19.69
C PRO B 50 -4.92 8.06 -18.91
N ALA B 51 -5.51 6.86 -18.83
CA ALA B 51 -6.78 6.74 -18.12
C ALA B 51 -6.62 6.63 -16.61
N LEU B 52 -5.40 6.49 -16.11
CA LEU B 52 -5.11 6.60 -14.68
C LEU B 52 -4.74 8.03 -14.27
N ASP B 53 -4.84 8.98 -15.20
CA ASP B 53 -4.24 10.31 -15.07
C ASP B 53 -2.85 10.23 -14.46
N LEU B 54 -2.00 9.41 -15.10
CA LEU B 54 -0.57 9.54 -14.98
C LEU B 54 0.05 9.81 -16.35
N LYS B 55 -0.80 9.89 -17.38
CA LYS B 55 -0.45 10.03 -18.81
C LYS B 55 1.02 10.25 -19.15
N PRO B 67 1.23 10.15 -7.52
CA PRO B 67 2.07 9.52 -6.49
C PRO B 67 1.85 8.01 -6.38
N TRP B 68 0.59 7.64 -6.14
CA TRP B 68 0.16 6.26 -5.95
C TRP B 68 -1.32 6.18 -6.33
N VAL B 69 -1.72 5.02 -6.85
CA VAL B 69 -3.10 4.82 -7.31
C VAL B 69 -3.52 3.39 -6.99
N LEU B 70 -4.80 3.22 -6.62
CA LEU B 70 -5.42 1.89 -6.57
C LEU B 70 -5.93 1.52 -7.95
N GLY B 71 -5.59 0.33 -8.42
CA GLY B 71 -6.00 -0.10 -9.75
C GLY B 71 -6.42 -1.54 -9.76
N LYS B 72 -6.89 -1.98 -10.93
CA LYS B 72 -7.37 -3.34 -11.15
C LYS B 72 -6.63 -3.93 -12.33
N VAL B 73 -6.01 -5.09 -12.14
CA VAL B 73 -5.25 -5.71 -13.20
C VAL B 73 -6.19 -6.20 -14.30
N MET B 74 -5.89 -5.82 -15.54
CA MET B 74 -6.67 -6.22 -16.70
C MET B 74 -5.96 -7.21 -17.60
N GLU B 75 -4.65 -7.04 -17.80
CA GLU B 75 -3.86 -7.98 -18.59
C GLU B 75 -2.46 -8.05 -17.99
N LYS B 76 -1.79 -9.16 -18.24
CA LYS B 76 -0.40 -9.28 -17.85
C LYS B 76 0.36 -10.05 -18.92
N GLU B 77 1.63 -9.68 -19.11
CA GLU B 77 2.50 -10.30 -20.09
C GLU B 77 3.86 -10.52 -19.44
N TYR B 78 4.35 -11.76 -19.50
CA TYR B 78 5.68 -12.12 -19.04
C TYR B 78 6.70 -11.78 -20.13
N CYS B 79 7.79 -11.12 -19.74
CA CYS B 79 8.79 -10.61 -20.68
C CYS B 79 10.21 -10.88 -20.15
N GLN B 80 11.19 -10.73 -21.06
CA GLN B 80 12.59 -10.85 -20.68
C GLN B 80 13.40 -9.80 -21.41
N ALA B 81 14.25 -9.08 -20.68
CA ALA B 81 15.13 -8.09 -21.29
C ALA B 81 16.21 -8.76 -22.12
N LYS B 82 16.33 -8.36 -23.38
CA LYS B 82 17.32 -8.91 -24.28
C LYS B 82 18.46 -7.93 -24.57
N LYS B 83 18.46 -6.75 -23.94
CA LYS B 83 19.54 -5.80 -24.07
C LYS B 83 19.81 -5.16 -22.72
N ALA B 84 21.09 -4.96 -22.40
CA ALA B 84 21.45 -4.34 -21.13
C ALA B 84 20.86 -2.94 -21.01
N GLN B 85 20.67 -2.26 -22.14
CA GLN B 85 20.08 -0.93 -22.16
C GLN B 85 18.62 -1.07 -22.60
N ASN B 86 17.70 -0.78 -21.68
CA ASN B 86 16.28 -0.90 -21.96
C ASN B 86 15.54 0.19 -21.19
N ARG B 87 14.26 0.39 -21.58
CA ARG B 87 13.44 1.44 -20.97
C ARG B 87 13.11 1.16 -19.52
N PHE B 88 13.28 -0.07 -19.06
CA PHE B 88 12.94 -0.44 -17.69
C PHE B 88 14.12 -0.36 -16.75
N LYS B 89 15.32 -0.16 -17.27
CA LYS B 89 16.54 -0.07 -16.47
C LYS B 89 16.79 -1.36 -15.69
N VAL B 90 16.43 -2.50 -16.27
CA VAL B 90 16.72 -3.78 -15.65
C VAL B 90 17.94 -4.40 -16.31
N PRO B 91 18.71 -5.23 -15.61
CA PRO B 91 19.85 -5.90 -16.23
C PRO B 91 19.43 -6.79 -17.37
N LEU B 92 20.39 -7.11 -18.24
CA LEU B 92 20.14 -8.02 -19.34
C LEU B 92 19.69 -9.38 -18.81
N GLY B 93 18.71 -9.97 -19.49
CA GLY B 93 18.15 -11.26 -19.09
C GLY B 93 17.11 -11.20 -17.99
N THR B 94 16.86 -10.03 -17.41
CA THR B 94 15.85 -9.93 -16.35
C THR B 94 14.49 -10.34 -16.89
N LYS B 95 13.78 -11.15 -16.12
CA LYS B 95 12.40 -11.50 -16.45
C LYS B 95 11.45 -10.68 -15.61
N PHE B 96 10.45 -10.11 -16.26
CA PHE B 96 9.57 -9.14 -15.62
C PHE B 96 8.23 -9.22 -16.31
N TYR B 97 7.23 -8.59 -15.71
CA TYR B 97 5.89 -8.50 -16.25
C TYR B 97 5.56 -7.07 -16.67
N ARG B 98 4.76 -6.96 -17.72
CA ARG B 98 4.06 -5.73 -18.07
C ARG B 98 2.59 -5.95 -17.76
N VAL B 99 1.96 -5.00 -17.08
CA VAL B 99 0.55 -5.15 -16.70
C VAL B 99 -0.25 -3.97 -17.24
N LYS B 100 -1.42 -4.25 -17.80
CA LYS B 100 -2.39 -3.20 -18.05
C LYS B 100 -3.37 -3.19 -16.89
N ALA B 101 -3.70 -2.00 -16.42
CA ALA B 101 -4.59 -1.86 -15.29
C ALA B 101 -5.49 -0.65 -15.49
N VAL B 102 -6.68 -0.69 -14.90
CA VAL B 102 -7.59 0.45 -14.89
C VAL B 102 -7.78 0.90 -13.45
N SER B 103 -8.20 2.16 -13.31
CA SER B 103 -8.34 2.70 -11.97
C SER B 103 -9.45 1.99 -11.20
N TRP B 104 -9.32 2.06 -9.88
CA TRP B 104 -10.25 1.49 -8.92
C TRP B 104 -10.67 2.64 -8.00
N ASN B 105 -11.79 3.26 -8.30
CA ASN B 105 -12.36 4.24 -7.36
C ASN B 105 -13.60 3.64 -6.68
N GLU C 3 -3.73 8.98 26.97
CA GLU C 3 -3.02 9.80 27.95
C GLU C 3 -3.95 10.78 28.66
N ASP C 4 -4.17 11.94 28.06
CA ASP C 4 -5.01 12.93 28.71
C ASP C 4 -5.98 13.65 27.75
N SEP C 5 -5.57 13.88 26.51
CA SEP C 5 -6.43 14.66 25.61
CB SEP C 5 -5.59 15.48 24.63
OG SEP C 5 -4.93 14.67 23.68
C SEP C 5 -7.43 13.78 24.83
O SEP C 5 -8.24 14.30 24.07
P SEP C 5 -3.34 14.79 23.84
O1P SEP C 5 -2.62 14.09 22.57
O2P SEP C 5 -2.87 13.99 25.16
O3P SEP C 5 -2.89 16.33 23.95
N PHE C 6 -7.37 12.48 25.03
CA PHE C 6 -8.29 11.54 24.35
C PHE C 6 -8.50 10.35 25.28
N VAL C 7 -9.58 9.59 25.06
CA VAL C 7 -9.92 8.46 25.93
C VAL C 7 -10.41 7.29 25.07
N GLU C 8 -10.35 6.10 25.66
CA GLU C 8 -10.96 4.93 25.04
C GLU C 8 -12.47 5.00 25.19
N ILE C 9 -13.19 4.63 24.13
CA ILE C 9 -14.64 4.59 24.15
C ILE C 9 -15.11 3.19 23.78
N ARG C 10 -16.41 2.98 23.93
CA ARG C 10 -17.02 1.65 23.82
C ARG C 10 -17.44 1.41 22.37
N MET C 11 -16.93 0.31 21.80
CA MET C 11 -17.10 -0.04 20.39
C MET C 11 -18.54 0.11 19.88
N GLU D 3 9.86 -4.03 -31.23
CA GLU D 3 11.22 -3.85 -30.72
C GLU D 3 12.00 -5.17 -30.76
N ASP D 4 13.18 -5.14 -30.14
CA ASP D 4 13.91 -6.36 -29.79
C ASP D 4 14.70 -6.07 -28.51
N SEP D 5 14.26 -5.01 -27.84
CA SEP D 5 14.71 -4.63 -26.50
CB SEP D 5 14.05 -3.30 -26.17
OG SEP D 5 14.51 -2.71 -24.97
C SEP D 5 14.34 -5.68 -25.45
O SEP D 5 15.12 -6.01 -24.55
P SEP D 5 13.97 -1.20 -25.13
O1P SEP D 5 12.82 -1.22 -26.27
O2P SEP D 5 13.35 -0.66 -23.75
O3P SEP D 5 15.15 -0.24 -25.62
N PHE D 6 13.14 -6.20 -25.55
CA PHE D 6 12.71 -7.29 -24.70
C PHE D 6 11.72 -8.10 -25.50
N VAL D 7 11.45 -9.34 -25.07
CA VAL D 7 10.62 -10.26 -25.83
C VAL D 7 9.64 -10.93 -24.87
N GLU D 8 8.54 -11.42 -25.44
CA GLU D 8 7.57 -12.18 -24.67
C GLU D 8 8.12 -13.56 -24.33
N ILE D 9 7.88 -14.01 -23.09
CA ILE D 9 8.23 -15.37 -22.70
C ILE D 9 7.00 -15.96 -22.00
N ARG D 10 7.00 -17.28 -21.91
CA ARG D 10 5.93 -17.98 -21.19
C ARG D 10 6.56 -19.19 -20.52
N MET D 11 5.91 -19.68 -19.45
CA MET D 11 6.29 -20.95 -18.86
C MET D 11 6.12 -22.07 -19.88
N ALA D 12 7.13 -22.93 -19.98
CA ALA D 12 7.07 -24.02 -20.95
C ALA D 12 6.01 -25.04 -20.52
N GLU D 13 5.26 -25.54 -21.53
CA GLU D 13 4.27 -26.62 -21.39
C GLU D 13 4.51 -27.72 -22.43
C1 GOL E . 8.63 -6.82 4.33
O1 GOL E . 8.52 -7.76 3.31
C2 GOL E . 8.09 -5.47 3.79
O2 GOL E . 8.69 -5.10 2.60
C3 GOL E . 8.35 -4.45 4.92
O3 GOL E . 8.17 -3.18 4.37
CL CL F . -16.09 15.38 23.29
CL CL G . -7.56 23.29 23.83
C1 GOL H . 23.25 -5.72 -26.73
O1 GOL H . 22.43 -6.82 -27.03
C2 GOL H . 22.74 -5.15 -25.39
O2 GOL H . 23.25 -5.82 -24.28
C3 GOL H . 23.07 -3.62 -25.42
O3 GOL H . 22.31 -3.00 -24.41
CL CL I . -13.74 -2.13 -1.19
CL CL J . 5.38 -0.38 -22.16
#